data_2GRB
#
_entry.id   2GRB
#
_cell.length_a   29.060
_cell.length_b   52.738
_cell.length_c   37.344
_cell.angle_alpha   90.00
_cell.angle_beta   102.98
_cell.angle_gamma   90.00
#
_symmetry.space_group_name_H-M   'P 1 21 1'
#
loop_
_entity.id
_entity.type
_entity.pdbx_description
1 polymer "5'-R(*(U33)P*GP*IP*GP*GP*U)-3'"
2 non-polymer 'POTASSIUM ION'
3 non-polymer 'STRONTIUM ION'
4 water water
#
_entity_poly.entity_id   1
_entity_poly.type   'polyribonucleotide'
_entity_poly.pdbx_seq_one_letter_code
;(U33)GIGGU
;
_entity_poly.pdbx_strand_id   A,B,C,D,E,F,G,H
#